data_6PL1
#
_entry.id   6PL1
#
_cell.length_a   51.915
_cell.length_b   51.915
_cell.length_c   229.322
_cell.angle_alpha   90.00
_cell.angle_beta   90.00
_cell.angle_gamma   120.00
#
_symmetry.space_group_name_H-M   'P 31 1 2'
#
loop_
_entity.id
_entity.type
_entity.pdbx_description
1 polymer 'High affinity nerve growth factor receptor'
2 non-polymer "N-(5-{[(7-methyl-4-oxo-4H-pyrido[1,2-a]pyrimidin-2-yl)methyl]sulfanyl}-1,3,4-thiadiazol-2-yl)-N'-[3-(trifluoromethyl)phenyl]urea"
3 water water
#
_entity_poly.entity_id   1
_entity_poly.type   'polypeptide(L)'
_entity_poly.pdbx_seq_one_letter_code
;GLQGHIIENPQYFSDACVHHIKRRDIVLKWELGEGAFGKVFLAECHNLLPEQDKMLVAVKALKEASESARQDFQREAELL
TMLQHQHIVRFFGVCTEGRPLLMVFEYMRHGDLNRFLRSHGPDAKLLAGGEDVAPGPLGLGQLLAVASQVAAGMVYLAGL
HFVHRDLATRNCLVGQGLVVKIGDFGMSRDIY(SEP)TDYYRVGGRTMLPIRWMPPESILYRKFTTESDVWSFGVVLWEI
FTYGKQPWYQLSNTEAIDCITQGRELERPRACPPEVYAIMRGCWQREPQQRHSIKDVHARLQALAQAPPVYLDVL
;
_entity_poly.pdbx_strand_id   A
#
# COMPACT_ATOMS: atom_id res chain seq x y z
N ALA A 16 20.96 2.50 17.16
CA ALA A 16 21.81 1.28 17.35
C ALA A 16 21.37 0.11 16.50
N CYS A 17 20.09 -0.22 16.57
N CYS A 17 20.08 -0.23 16.58
CA CYS A 17 19.46 -1.13 15.62
CA CYS A 17 19.45 -1.14 15.60
C CYS A 17 19.28 -0.42 14.27
C CYS A 17 19.29 -0.41 14.26
N VAL A 18 18.87 0.85 14.35
CA VAL A 18 18.62 1.68 13.19
C VAL A 18 19.94 2.11 12.53
N HIS A 19 19.97 2.09 11.20
CA HIS A 19 21.10 2.70 10.44
C HIS A 19 21.01 4.21 10.49
N HIS A 20 22.17 4.87 10.51
CA HIS A 20 22.26 6.34 10.59
C HIS A 20 22.96 6.91 9.37
N ILE A 21 22.52 8.09 8.95
CA ILE A 21 23.02 8.75 7.74
C ILE A 21 23.41 10.16 8.17
N LYS A 22 24.58 10.60 7.71
CA LYS A 22 25.09 11.95 8.03
C LYS A 22 24.33 13.02 7.26
N ARG A 23 23.98 14.12 7.92
CA ARG A 23 23.19 15.18 7.29
C ARG A 23 23.85 15.72 6.00
N ARG A 24 25.18 15.77 5.99
CA ARG A 24 25.92 16.26 4.81
C ARG A 24 25.83 15.35 3.59
N ASP A 25 25.51 14.08 3.81
CA ASP A 25 25.26 13.13 2.73
C ASP A 25 23.84 13.22 2.09
N ILE A 26 22.95 14.03 2.66
CA ILE A 26 21.61 14.26 2.12
C ILE A 26 21.56 15.66 1.56
N VAL A 27 21.20 15.77 0.27
CA VAL A 27 20.98 17.06 -0.39
C VAL A 27 19.53 17.12 -0.85
N LEU A 28 18.74 17.96 -0.21
CA LEU A 28 17.33 18.14 -0.57
C LEU A 28 17.17 18.84 -1.91
N LYS A 29 16.22 18.38 -2.71
CA LYS A 29 15.96 18.94 -4.05
C LYS A 29 14.65 19.73 -4.09
N TRP A 30 13.56 19.08 -3.73
CA TRP A 30 12.26 19.72 -3.65
C TRP A 30 11.27 18.84 -2.91
N GLU A 31 10.14 19.43 -2.53
CA GLU A 31 9.06 18.72 -1.86
C GLU A 31 8.32 17.80 -2.83
N LEU A 32 7.83 16.69 -2.30
CA LEU A 32 7.00 15.71 -3.03
C LEU A 32 5.61 15.66 -2.44
N GLY A 33 5.51 15.66 -1.11
CA GLY A 33 4.23 15.62 -0.44
C GLY A 33 4.34 16.17 0.96
N GLU A 34 3.19 16.33 1.60
CA GLU A 34 3.14 16.92 2.92
C GLU A 34 1.88 16.51 3.67
N GLY A 35 2.08 15.99 4.87
CA GLY A 35 0.97 15.67 5.76
C GLY A 35 0.97 16.56 7.00
N ALA A 36 0.24 16.15 8.03
CA ALA A 36 0.15 16.90 9.28
C ALA A 36 1.35 16.65 10.21
N PHE A 37 1.88 15.42 10.19
CA PHE A 37 3.03 15.01 10.99
C PHE A 37 4.39 15.11 10.25
N GLY A 38 4.38 15.48 8.97
CA GLY A 38 5.64 15.64 8.24
C GLY A 38 5.57 16.14 6.81
N LYS A 39 6.76 16.37 6.26
CA LYS A 39 6.95 16.74 4.86
C LYS A 39 7.88 15.72 4.23
N VAL A 40 7.64 15.42 2.97
CA VAL A 40 8.48 14.49 2.21
C VAL A 40 9.18 15.26 1.11
N PHE A 41 10.49 15.09 1.01
CA PHE A 41 11.30 15.69 -0.03
C PHE A 41 11.96 14.64 -0.90
N LEU A 42 12.18 14.97 -2.17
CA LEU A 42 13.11 14.25 -3.01
C LEU A 42 14.49 14.79 -2.65
N ALA A 43 15.44 13.88 -2.49
CA ALA A 43 16.82 14.26 -2.14
C ALA A 43 17.83 13.37 -2.85
N GLU A 44 19.06 13.87 -2.94
CA GLU A 44 20.22 13.08 -3.36
C GLU A 44 20.87 12.55 -2.11
N CYS A 45 21.28 11.29 -2.10
CA CYS A 45 22.00 10.74 -0.95
C CYS A 45 23.31 10.13 -1.38
N HIS A 46 24.40 10.65 -0.82
CA HIS A 46 25.75 10.24 -1.16
C HIS A 46 26.26 9.14 -0.25
N ASN A 47 27.10 8.27 -0.82
CA ASN A 47 27.76 7.21 -0.09
C ASN A 47 26.79 6.24 0.60
N LEU A 48 25.59 6.08 0.04
CA LEU A 48 24.57 5.28 0.66
C LEU A 48 24.74 3.83 0.27
N LEU A 49 24.85 3.56 -1.03
CA LEU A 49 25.05 2.20 -1.54
C LEU A 49 26.37 2.04 -2.31
N PRO A 50 27.04 0.87 -2.16
CA PRO A 50 28.26 0.59 -2.95
C PRO A 50 28.08 0.67 -4.47
N GLU A 51 26.89 0.34 -4.95
CA GLU A 51 26.55 0.39 -6.38
C GLU A 51 26.66 1.81 -6.93
N GLN A 52 25.86 2.71 -6.35
CA GLN A 52 25.78 4.10 -6.78
C GLN A 52 26.38 5.00 -5.70
N ASP A 53 27.38 5.79 -6.07
CA ASP A 53 27.96 6.81 -5.18
C ASP A 53 26.96 7.93 -4.85
N LYS A 54 26.05 8.20 -5.79
CA LYS A 54 24.94 9.15 -5.62
C LYS A 54 23.65 8.49 -6.11
N MET A 55 22.55 8.71 -5.40
CA MET A 55 21.25 8.17 -5.77
C MET A 55 20.12 9.01 -5.21
N LEU A 56 18.96 8.93 -5.85
CA LEU A 56 17.78 9.64 -5.40
C LEU A 56 17.07 8.87 -4.30
N VAL A 57 16.62 9.60 -3.28
CA VAL A 57 15.88 9.07 -2.15
C VAL A 57 14.72 10.00 -1.82
N ALA A 58 13.80 9.50 -1.00
CA ALA A 58 12.69 10.27 -0.46
C ALA A 58 12.96 10.49 1.03
N VAL A 59 12.92 11.74 1.47
CA VAL A 59 13.28 12.09 2.84
C VAL A 59 12.06 12.61 3.57
N LYS A 60 11.69 11.98 4.67
CA LYS A 60 10.57 12.45 5.51
C LYS A 60 11.12 13.23 6.69
N ALA A 61 10.73 14.51 6.76
CA ALA A 61 11.14 15.40 7.84
C ALA A 61 9.99 15.49 8.85
N LEU A 62 10.32 15.19 10.09
CA LEU A 62 9.35 15.20 11.18
C LEU A 62 8.94 16.63 11.54
N LYS A 63 7.63 16.80 11.76
CA LYS A 63 7.07 18.02 12.33
C LYS A 63 6.83 17.77 13.81
N GLU A 64 7.85 18.03 14.64
CA GLU A 64 7.72 17.80 16.09
C GLU A 64 7.03 19.00 16.76
N SER A 68 7.89 14.69 22.27
CA SER A 68 6.87 13.63 22.21
C SER A 68 6.95 12.79 20.93
N ALA A 69 6.96 13.47 19.78
CA ALA A 69 6.99 12.83 18.46
C ALA A 69 8.30 12.05 18.16
N ARG A 70 9.38 12.39 18.85
CA ARG A 70 10.67 11.70 18.70
C ARG A 70 10.61 10.23 19.10
N GLN A 71 9.75 9.92 20.07
CA GLN A 71 9.52 8.55 20.52
C GLN A 71 8.86 7.74 19.42
N ASP A 72 7.78 8.29 18.87
CA ASP A 72 7.04 7.68 17.74
C ASP A 72 7.94 7.52 16.54
N PHE A 73 8.68 8.59 16.24
CA PHE A 73 9.71 8.60 15.21
C PHE A 73 10.73 7.46 15.37
N GLN A 74 11.33 7.36 16.55
CA GLN A 74 12.33 6.32 16.83
C GLN A 74 11.71 4.91 16.87
N ARG A 75 10.51 4.78 17.44
CA ARG A 75 9.76 3.53 17.38
C ARG A 75 9.47 3.10 15.93
N GLU A 76 9.03 4.06 15.11
CA GLU A 76 8.73 3.80 13.69
C GLU A 76 9.99 3.34 12.93
N ALA A 77 11.13 3.98 13.23
CA ALA A 77 12.41 3.62 12.63
C ALA A 77 12.85 2.19 12.97
N GLU A 78 12.70 1.81 14.23
CA GLU A 78 13.03 0.47 14.69
C GLU A 78 12.16 -0.59 14.02
N LEU A 79 10.87 -0.28 13.93
CA LEU A 79 9.90 -1.15 13.27
C LEU A 79 10.20 -1.31 11.78
N LEU A 80 10.39 -0.20 11.08
CA LEU A 80 10.74 -0.22 9.66
C LEU A 80 12.01 -1.02 9.34
N THR A 81 13.03 -0.88 10.19
CA THR A 81 14.27 -1.65 10.05
C THR A 81 14.04 -3.17 10.17
N MET A 82 13.14 -3.57 11.07
CA MET A 82 12.76 -4.98 11.26
C MET A 82 12.00 -5.56 10.07
N LEU A 83 11.06 -4.76 9.52
CA LEU A 83 10.12 -5.23 8.50
C LEU A 83 10.68 -5.28 7.08
N GLN A 84 11.98 -5.06 6.90
CA GLN A 84 12.55 -4.93 5.57
C GLN A 84 12.48 -6.21 4.72
N HIS A 85 11.93 -6.09 3.51
CA HIS A 85 11.67 -7.23 2.62
C HIS A 85 11.29 -6.75 1.22
N GLN A 86 11.33 -7.66 0.24
CA GLN A 86 11.12 -7.37 -1.19
C GLN A 86 9.88 -6.51 -1.57
N HIS A 87 8.79 -6.71 -0.85
CA HIS A 87 7.53 -5.98 -1.12
C HIS A 87 7.03 -5.12 0.04
N ILE A 88 7.97 -4.75 0.91
CA ILE A 88 7.74 -3.78 1.97
C ILE A 88 8.62 -2.59 1.58
N VAL A 89 8.17 -1.37 1.91
N VAL A 89 8.16 -1.37 1.89
CA VAL A 89 8.88 -0.14 1.55
CA VAL A 89 8.88 -0.15 1.52
C VAL A 89 10.32 -0.14 2.10
C VAL A 89 10.31 -0.17 2.08
N ARG A 90 11.27 0.18 1.22
CA ARG A 90 12.69 0.14 1.59
C ARG A 90 13.07 1.40 2.37
N PHE A 91 13.54 1.16 3.61
CA PHE A 91 13.91 2.19 4.56
C PHE A 91 15.42 2.09 4.74
N PHE A 92 16.12 3.19 4.50
CA PHE A 92 17.60 3.22 4.54
C PHE A 92 18.16 3.59 5.89
N GLY A 93 17.46 4.44 6.62
CA GLY A 93 17.84 4.79 7.96
C GLY A 93 17.44 6.20 8.30
N VAL A 94 18.08 6.72 9.33
CA VAL A 94 17.69 7.95 9.97
C VAL A 94 18.84 8.94 9.97
N CYS A 95 18.53 10.22 10.06
CA CYS A 95 19.53 11.26 10.35
C CYS A 95 19.08 12.03 11.59
N THR A 96 19.76 11.75 12.70
CA THR A 96 19.45 12.36 14.01
C THR A 96 20.44 13.45 14.46
N GLU A 97 21.40 13.81 13.61
CA GLU A 97 22.39 14.83 14.01
C GLU A 97 21.82 16.22 13.73
N GLY A 98 21.53 16.95 14.80
CA GLY A 98 20.77 18.19 14.70
C GLY A 98 19.30 17.92 14.38
N ARG A 99 18.63 18.93 13.85
CA ARG A 99 17.22 18.85 13.50
C ARG A 99 17.00 19.50 12.13
N PRO A 100 15.88 19.16 11.45
CA PRO A 100 14.83 18.22 11.85
C PRO A 100 15.28 16.77 11.71
N LEU A 101 14.64 15.87 12.45
CA LEU A 101 14.94 14.44 12.35
C LEU A 101 14.43 13.96 11.00
N LEU A 102 15.28 13.24 10.27
CA LEU A 102 14.95 12.76 8.91
C LEU A 102 14.87 11.25 8.90
N MET A 103 13.90 10.72 8.14
CA MET A 103 13.85 9.32 7.79
C MET A 103 14.07 9.19 6.30
N VAL A 104 14.87 8.20 5.89
CA VAL A 104 15.35 8.12 4.52
C VAL A 104 14.84 6.84 3.89
N PHE A 105 14.11 7.01 2.79
CA PHE A 105 13.44 5.92 2.07
C PHE A 105 13.87 5.86 0.62
N GLU A 106 13.66 4.69 0.03
CA GLU A 106 13.80 4.51 -1.41
C GLU A 106 12.77 5.41 -2.09
N TYR A 107 13.18 6.02 -3.20
CA TYR A 107 12.30 6.85 -4.01
C TYR A 107 11.52 5.93 -4.95
N MET A 108 10.20 6.08 -4.97
CA MET A 108 9.29 5.27 -5.77
C MET A 108 8.59 6.21 -6.74
N ARG A 109 9.08 6.23 -7.98
CA ARG A 109 8.74 7.31 -8.93
C ARG A 109 7.28 7.44 -9.33
N HIS A 110 6.50 6.38 -9.24
CA HIS A 110 5.07 6.48 -9.58
C HIS A 110 4.17 6.91 -8.41
N GLY A 111 4.73 7.05 -7.21
CA GLY A 111 3.95 7.47 -6.05
C GLY A 111 3.08 6.34 -5.53
N ASP A 112 1.97 6.70 -4.90
CA ASP A 112 1.12 5.73 -4.24
C ASP A 112 0.28 4.96 -5.26
N LEU A 113 -0.07 3.73 -4.91
CA LEU A 113 -0.76 2.84 -5.84
C LEU A 113 -2.14 3.37 -6.26
N ASN A 114 -2.85 4.09 -5.39
CA ASN A 114 -4.16 4.62 -5.74
C ASN A 114 -4.09 5.63 -6.90
N ARG A 115 -3.17 6.59 -6.81
CA ARG A 115 -2.95 7.59 -7.87
C ARG A 115 -2.52 6.91 -9.16
N PHE A 116 -1.61 5.94 -9.06
CA PHE A 116 -1.17 5.18 -10.21
C PHE A 116 -2.32 4.46 -10.91
N LEU A 117 -3.17 3.79 -10.14
CA LEU A 117 -4.34 3.08 -10.67
C LEU A 117 -5.29 4.04 -11.39
N ARG A 118 -5.61 5.16 -10.74
CA ARG A 118 -6.48 6.18 -11.33
C ARG A 118 -5.93 6.80 -12.62
N SER A 119 -4.60 6.94 -12.69
N SER A 119 -4.60 6.93 -12.69
CA SER A 119 -3.92 7.51 -13.86
CA SER A 119 -3.93 7.49 -13.87
C SER A 119 -3.81 6.54 -15.04
C SER A 119 -3.86 6.54 -15.07
N HIS A 120 -4.15 5.26 -14.83
CA HIS A 120 -4.22 4.24 -15.90
C HIS A 120 -5.57 3.50 -15.90
N GLY A 121 -6.65 4.26 -15.76
CA GLY A 121 -8.01 3.71 -15.71
C GLY A 121 -8.54 3.24 -17.05
N PRO A 122 -9.83 2.87 -17.13
CA PRO A 122 -10.38 2.47 -18.43
C PRO A 122 -10.49 3.62 -19.45
N ASP A 123 -10.40 4.87 -18.97
CA ASP A 123 -10.36 6.07 -19.83
C ASP A 123 -8.96 6.42 -20.39
N ALA A 124 -7.90 5.79 -19.89
CA ALA A 124 -6.53 6.09 -20.32
C ALA A 124 -6.28 5.70 -21.78
N LYS A 125 -5.39 6.47 -22.44
CA LYS A 125 -5.06 6.30 -23.87
C LYS A 125 -3.52 6.28 -24.05
N LEU A 126 -3.04 6.58 -25.26
CA LEU A 126 -1.60 6.63 -25.58
C LEU A 126 -0.75 7.51 -24.65
N LEU A 127 -1.26 8.71 -24.35
CA LEU A 127 -0.63 9.67 -23.41
C LEU A 127 -0.19 9.05 -22.07
N ALA A 128 -1.07 8.27 -21.46
CA ALA A 128 -0.78 7.53 -20.21
C ALA A 128 0.36 6.52 -20.35
N GLY A 129 0.62 6.08 -21.59
CA GLY A 129 1.78 5.25 -21.92
C GLY A 129 3.08 5.85 -21.42
N GLY A 130 4.05 4.99 -21.15
CA GLY A 130 5.28 5.45 -20.54
C GLY A 130 6.41 4.47 -20.65
N GLU A 131 7.43 4.72 -19.84
CA GLU A 131 8.63 3.90 -19.80
C GLU A 131 8.39 2.52 -19.20
N ASP A 132 7.56 2.46 -18.16
CA ASP A 132 7.30 1.23 -17.41
C ASP A 132 5.97 0.57 -17.72
N VAL A 133 5.10 1.26 -18.43
CA VAL A 133 3.72 0.86 -18.56
C VAL A 133 3.19 1.24 -19.93
N ALA A 134 2.40 0.33 -20.50
CA ALA A 134 1.80 0.52 -21.82
C ALA A 134 0.76 1.62 -21.76
N PRO A 135 0.36 2.15 -22.94
CA PRO A 135 -0.74 3.10 -22.88
C PRO A 135 -2.06 2.41 -22.59
N GLY A 136 -3.07 3.21 -22.27
CA GLY A 136 -4.40 2.66 -22.03
C GLY A 136 -4.57 2.04 -20.65
N PRO A 137 -5.73 1.39 -20.44
CA PRO A 137 -5.97 0.77 -19.14
C PRO A 137 -5.03 -0.37 -18.87
N LEU A 138 -4.63 -0.53 -17.62
CA LEU A 138 -3.79 -1.65 -17.24
C LEU A 138 -4.51 -2.95 -17.59
N GLY A 139 -3.79 -3.87 -18.20
CA GLY A 139 -4.34 -5.16 -18.59
C GLY A 139 -4.50 -6.10 -17.41
N LEU A 140 -5.27 -7.16 -17.61
CA LEU A 140 -5.50 -8.20 -16.60
C LEU A 140 -4.19 -8.71 -16.02
N GLY A 141 -3.22 -8.96 -16.90
CA GLY A 141 -1.89 -9.41 -16.50
C GLY A 141 -1.15 -8.46 -15.57
N GLN A 142 -1.28 -7.16 -15.84
CA GLN A 142 -0.63 -6.13 -15.01
C GLN A 142 -1.33 -6.01 -13.66
N LEU A 143 -2.66 -5.99 -13.67
CA LEU A 143 -3.47 -5.91 -12.45
C LEU A 143 -3.19 -7.06 -11.49
N LEU A 144 -3.05 -8.26 -12.03
CA LEU A 144 -2.71 -9.43 -11.25
C LEU A 144 -1.31 -9.36 -10.66
N ALA A 145 -0.37 -8.81 -11.43
CA ALA A 145 1.02 -8.61 -10.98
C ALA A 145 1.09 -7.63 -9.80
N VAL A 146 0.30 -6.56 -9.85
CA VAL A 146 0.17 -5.63 -8.72
C VAL A 146 -0.41 -6.34 -7.49
N ALA A 147 -1.58 -6.97 -7.66
CA ALA A 147 -2.22 -7.72 -6.59
C ALA A 147 -1.30 -8.75 -5.94
N SER A 148 -0.56 -9.49 -6.76
CA SER A 148 0.37 -10.52 -6.29
C SER A 148 1.47 -9.96 -5.38
N GLN A 149 2.07 -8.86 -5.81
CA GLN A 149 3.11 -8.17 -5.04
C GLN A 149 2.61 -7.69 -3.67
N VAL A 150 1.43 -7.09 -3.63
CA VAL A 150 0.81 -6.67 -2.37
C VAL A 150 0.54 -7.89 -1.47
N ALA A 151 0.03 -8.99 -2.05
CA ALA A 151 -0.20 -10.21 -1.27
C ALA A 151 1.09 -10.78 -0.68
N ALA A 152 2.15 -10.75 -1.47
CA ALA A 152 3.48 -11.20 -1.01
C ALA A 152 3.99 -10.38 0.16
N GLY A 153 3.75 -9.07 0.12
CA GLY A 153 4.06 -8.22 1.26
C GLY A 153 3.27 -8.62 2.50
N MET A 154 1.97 -8.86 2.32
CA MET A 154 1.10 -9.27 3.44
C MET A 154 1.41 -10.67 3.95
N VAL A 155 1.87 -11.58 3.08
CA VAL A 155 2.39 -12.88 3.56
C VAL A 155 3.55 -12.65 4.55
N TYR A 156 4.49 -11.81 4.17
CA TYR A 156 5.65 -11.53 5.02
C TYR A 156 5.25 -10.95 6.36
N LEU A 157 4.36 -9.95 6.37
CA LEU A 157 3.87 -9.38 7.63
C LEU A 157 3.09 -10.38 8.49
N ALA A 158 2.22 -11.16 7.83
CA ALA A 158 1.51 -12.27 8.50
C ALA A 158 2.48 -13.25 9.14
N GLY A 159 3.50 -13.65 8.38
CA GLY A 159 4.61 -14.47 8.87
C GLY A 159 5.26 -13.96 10.16
N LEU A 160 5.54 -12.65 10.21
CA LEU A 160 6.08 -11.97 11.41
C LEU A 160 5.03 -11.64 12.48
N HIS A 161 3.78 -11.98 12.22
CA HIS A 161 2.65 -11.75 13.13
C HIS A 161 2.36 -10.27 13.40
N PHE A 162 2.64 -9.45 12.40
CA PHE A 162 2.36 -8.01 12.43
C PHE A 162 0.97 -7.73 11.80
N VAL A 163 0.17 -6.90 12.46
CA VAL A 163 -1.13 -6.46 11.97
C VAL A 163 -1.01 -5.02 11.45
N HIS A 164 -1.22 -4.83 10.15
CA HIS A 164 -1.11 -3.51 9.52
C HIS A 164 -2.17 -2.52 10.04
N ARG A 165 -3.45 -2.91 9.91
CA ARG A 165 -4.62 -2.10 10.36
C ARG A 165 -5.11 -0.97 9.42
N ASP A 166 -4.37 -0.70 8.35
CA ASP A 166 -4.71 0.36 7.38
C ASP A 166 -4.17 0.01 5.99
N LEU A 167 -4.33 -1.25 5.61
CA LEU A 167 -3.97 -1.70 4.27
C LEU A 167 -4.99 -1.15 3.25
N ALA A 168 -4.48 -0.43 2.27
CA ALA A 168 -5.25 0.16 1.18
C ALA A 168 -4.22 0.54 0.12
N THR A 169 -4.68 0.78 -1.10
CA THR A 169 -3.76 1.15 -2.21
C THR A 169 -3.03 2.49 -1.98
N ARG A 170 -3.68 3.42 -1.27
CA ARG A 170 -3.04 4.66 -0.86
C ARG A 170 -1.77 4.45 0.00
N ASN A 171 -1.70 3.34 0.72
CA ASN A 171 -0.53 2.98 1.53
C ASN A 171 0.45 2.02 0.86
N CYS A 172 0.36 1.89 -0.46
CA CYS A 172 1.30 1.13 -1.27
C CYS A 172 1.99 2.09 -2.22
N LEU A 173 3.27 1.86 -2.49
CA LEU A 173 4.03 2.65 -3.47
C LEU A 173 4.42 1.83 -4.70
N VAL A 174 4.59 2.54 -5.82
CA VAL A 174 4.91 1.93 -7.09
C VAL A 174 6.18 2.58 -7.64
N GLY A 175 7.16 1.75 -7.90
CA GLY A 175 8.47 2.21 -8.40
C GLY A 175 8.71 1.80 -9.84
N GLN A 176 9.94 2.05 -10.29
CA GLN A 176 10.38 1.72 -11.64
C GLN A 176 10.17 0.24 -11.93
N GLY A 177 9.74 -0.08 -13.13
CA GLY A 177 9.37 -1.45 -13.53
C GLY A 177 8.13 -1.97 -12.82
N LEU A 178 7.30 -1.05 -12.35
CA LEU A 178 6.07 -1.35 -11.60
C LEU A 178 6.29 -2.31 -10.44
N VAL A 179 7.35 -2.08 -9.69
CA VAL A 179 7.58 -2.78 -8.43
C VAL A 179 6.64 -2.12 -7.43
N VAL A 180 5.94 -2.92 -6.64
CA VAL A 180 4.91 -2.43 -5.73
C VAL A 180 5.25 -2.86 -4.31
N LYS A 181 5.23 -1.91 -3.39
CA LYS A 181 5.64 -2.15 -2.01
C LYS A 181 4.69 -1.51 -1.02
N ILE A 182 4.45 -2.23 0.08
CA ILE A 182 3.56 -1.78 1.15
C ILE A 182 4.29 -0.86 2.09
N GLY A 183 3.58 0.19 2.51
CA GLY A 183 3.99 1.07 3.61
C GLY A 183 2.78 1.46 4.45
N ASP A 184 2.97 2.51 5.27
CA ASP A 184 1.91 3.07 6.10
C ASP A 184 2.25 4.55 6.29
N PHE A 185 1.65 5.39 5.46
CA PHE A 185 1.99 6.81 5.42
C PHE A 185 1.04 7.57 6.29
N GLY A 186 1.57 8.15 7.37
CA GLY A 186 0.79 9.01 8.27
C GLY A 186 0.05 10.07 7.47
N MET A 187 0.62 10.45 6.45
CA MET A 187 0.22 11.44 5.45
C MET A 187 -1.04 11.13 4.62
N SER A 188 -1.42 9.80 4.63
CA SER A 188 -2.58 9.28 3.89
C SER A 188 -3.86 9.89 4.46
N ARG A 189 -3.81 10.19 5.75
CA ARG A 189 -4.90 10.87 6.45
C ARG A 189 -5.18 12.29 5.95
N ASP A 190 -4.28 12.83 5.12
CA ASP A 190 -4.40 14.20 4.59
C ASP A 190 -4.87 14.26 3.14
N ILE A 191 -4.18 13.55 2.26
CA ILE A 191 -4.55 13.50 0.84
C ILE A 191 -5.85 12.74 0.67
N TYR A 192 -5.98 11.68 1.45
CA TYR A 192 -7.12 10.77 1.38
C TYR A 192 -7.94 10.86 2.66
N THR A 194 -11.07 11.66 3.01
CA THR A 194 -12.42 11.06 2.87
C THR A 194 -12.42 9.53 2.96
N ASP A 195 -11.23 8.91 2.92
CA ASP A 195 -11.06 7.48 3.18
C ASP A 195 -11.08 7.12 4.67
N TYR A 196 -11.26 8.11 5.55
CA TYR A 196 -11.32 7.87 6.98
C TYR A 196 -12.58 8.48 7.56
N TYR A 197 -13.08 7.81 8.60
CA TYR A 197 -14.19 8.30 9.40
C TYR A 197 -13.62 8.77 10.74
N ARG A 198 -13.79 10.06 11.03
CA ARG A 198 -13.21 10.71 12.20
C ARG A 198 -14.13 10.51 13.39
N VAL A 199 -13.57 9.98 14.48
CA VAL A 199 -14.31 9.75 15.74
C VAL A 199 -13.59 10.40 16.91
N THR A 203 -8.98 10.43 16.43
CA THR A 203 -8.86 9.11 15.80
C THR A 203 -9.54 9.09 14.41
N MET A 204 -8.92 8.34 13.50
CA MET A 204 -9.43 8.21 12.13
C MET A 204 -9.44 6.74 11.72
N LEU A 205 -10.63 6.23 11.41
CA LEU A 205 -10.82 4.83 11.07
C LEU A 205 -11.05 4.64 9.56
N PRO A 206 -10.32 3.70 8.93
CA PRO A 206 -10.52 3.41 7.51
C PRO A 206 -11.68 2.42 7.33
N ILE A 207 -12.87 2.89 7.68
CA ILE A 207 -14.11 2.09 7.76
C ILE A 207 -14.38 1.25 6.53
N ARG A 208 -14.20 1.85 5.37
CA ARG A 208 -14.49 1.16 4.10
C ARG A 208 -13.62 -0.06 3.85
N TRP A 209 -12.45 -0.10 4.49
CA TRP A 209 -11.53 -1.24 4.40
C TRP A 209 -11.64 -2.23 5.55
N MET A 210 -12.52 -1.99 6.52
CA MET A 210 -12.54 -2.76 7.77
C MET A 210 -13.63 -3.85 7.76
N PRO A 211 -13.33 -5.03 8.33
CA PRO A 211 -14.35 -6.07 8.48
C PRO A 211 -15.36 -5.76 9.61
N PRO A 212 -16.49 -6.49 9.66
CA PRO A 212 -17.50 -6.25 10.70
C PRO A 212 -16.98 -6.36 12.14
N GLU A 213 -16.07 -7.30 12.40
CA GLU A 213 -15.50 -7.44 13.75
C GLU A 213 -14.63 -6.26 14.20
N SER A 214 -14.02 -5.55 13.25
CA SER A 214 -13.23 -4.36 13.57
C SER A 214 -14.13 -3.17 13.81
N ILE A 215 -15.17 -3.01 13.00
CA ILE A 215 -16.14 -1.94 13.20
C ILE A 215 -16.96 -2.17 14.50
N LEU A 216 -17.45 -3.39 14.71
CA LEU A 216 -18.36 -3.66 15.82
C LEU A 216 -17.64 -3.82 17.14
N TYR A 217 -16.62 -4.68 17.15
CA TYR A 217 -15.94 -5.08 18.37
C TYR A 217 -14.56 -4.45 18.57
N ARG A 218 -14.08 -3.70 17.58
CA ARG A 218 -12.76 -3.04 17.63
C ARG A 218 -11.62 -4.03 17.84
N LYS A 219 -11.72 -5.16 17.14
CA LYS A 219 -10.66 -6.17 17.11
C LYS A 219 -9.96 -6.16 15.75
N PHE A 220 -8.63 -6.09 15.76
CA PHE A 220 -7.81 -6.08 14.55
C PHE A 220 -6.82 -7.23 14.64
N THR A 221 -6.81 -8.07 13.61
CA THR A 221 -5.99 -9.28 13.57
C THR A 221 -5.42 -9.47 12.18
N THR A 222 -4.64 -10.53 12.02
CA THR A 222 -4.24 -11.04 10.72
C THR A 222 -5.45 -11.23 9.79
N GLU A 223 -6.56 -11.69 10.36
CA GLU A 223 -7.77 -11.98 9.60
C GLU A 223 -8.47 -10.71 9.14
N SER A 224 -8.42 -9.65 9.94
CA SER A 224 -8.95 -8.36 9.50
C SER A 224 -8.10 -7.74 8.39
N ASP A 225 -6.79 -8.05 8.39
CA ASP A 225 -5.90 -7.67 7.28
C ASP A 225 -6.23 -8.39 5.96
N VAL A 226 -6.59 -9.68 5.99
N VAL A 226 -6.58 -9.67 5.99
CA VAL A 226 -6.99 -10.37 4.75
CA VAL A 226 -7.00 -10.39 4.76
C VAL A 226 -8.28 -9.81 4.18
C VAL A 226 -8.28 -9.80 4.19
N TRP A 227 -9.19 -9.37 5.06
CA TRP A 227 -10.43 -8.69 4.65
C TRP A 227 -10.04 -7.42 3.91
N SER A 228 -9.19 -6.62 4.56
CA SER A 228 -8.66 -5.39 3.96
C SER A 228 -7.96 -5.64 2.64
N PHE A 229 -7.19 -6.74 2.54
CA PHE A 229 -6.58 -7.10 1.27
C PHE A 229 -7.63 -7.41 0.20
N GLY A 230 -8.70 -8.11 0.59
CA GLY A 230 -9.85 -8.28 -0.29
C GLY A 230 -10.32 -6.98 -0.89
N VAL A 231 -10.43 -5.94 -0.05
CA VAL A 231 -10.83 -4.62 -0.52
C VAL A 231 -9.76 -4.00 -1.45
N VAL A 232 -8.48 -4.19 -1.12
CA VAL A 232 -7.38 -3.76 -1.98
C VAL A 232 -7.50 -4.38 -3.39
N LEU A 233 -7.77 -5.67 -3.43
CA LEU A 233 -8.00 -6.38 -4.68
C LEU A 233 -9.13 -5.72 -5.49
N TRP A 234 -10.21 -5.37 -4.80
CA TRP A 234 -11.31 -4.60 -5.39
C TRP A 234 -10.89 -3.23 -5.92
N GLU A 235 -10.10 -2.49 -5.12
CA GLU A 235 -9.52 -1.23 -5.58
C GLU A 235 -8.73 -1.38 -6.87
N ILE A 236 -7.85 -2.38 -6.90
CA ILE A 236 -7.00 -2.65 -8.07
C ILE A 236 -7.86 -2.86 -9.33
N PHE A 237 -8.85 -3.75 -9.21
CA PHE A 237 -9.71 -4.10 -10.37
C PHE A 237 -10.79 -3.09 -10.71
N THR A 238 -10.94 -2.04 -9.90
CA THR A 238 -11.75 -0.86 -10.26
C THR A 238 -10.90 0.36 -10.61
N TYR A 239 -9.60 0.16 -10.82
CA TYR A 239 -8.67 1.26 -11.07
C TYR A 239 -8.70 2.36 -10.00
N GLY A 240 -8.78 1.93 -8.73
CA GLY A 240 -8.61 2.83 -7.60
C GLY A 240 -9.83 3.59 -7.13
N LYS A 241 -11.03 3.16 -7.53
CA LYS A 241 -12.28 3.72 -6.99
C LYS A 241 -12.36 3.48 -5.49
N GLN A 242 -13.04 4.37 -4.78
CA GLN A 242 -13.26 4.21 -3.35
C GLN A 242 -14.31 3.12 -3.09
N PRO A 243 -14.00 2.14 -2.20
CA PRO A 243 -15.03 1.18 -1.82
C PRO A 243 -16.26 1.87 -1.24
N TRP A 244 -17.44 1.41 -1.66
CA TRP A 244 -18.71 2.00 -1.22
C TRP A 244 -18.80 3.51 -1.48
N TYR A 245 -18.23 3.99 -2.60
CA TYR A 245 -18.23 5.42 -2.95
C TYR A 245 -19.62 6.07 -2.98
N GLN A 246 -20.61 5.28 -3.38
CA GLN A 246 -22.02 5.72 -3.35
C GLN A 246 -22.62 5.96 -1.92
N LEU A 247 -21.89 5.56 -0.87
CA LEU A 247 -22.39 5.62 0.51
C LEU A 247 -21.64 6.64 1.35
N SER A 248 -22.38 7.34 2.22
CA SER A 248 -21.79 8.07 3.34
C SER A 248 -21.09 7.11 4.30
N ASN A 249 -20.34 7.68 5.25
CA ASN A 249 -19.61 6.88 6.23
C ASN A 249 -20.50 6.00 7.09
N THR A 250 -21.61 6.56 7.56
CA THR A 250 -22.58 5.85 8.39
C THR A 250 -23.31 4.76 7.59
N GLU A 251 -23.75 5.11 6.38
CA GLU A 251 -24.34 4.12 5.45
C GLU A 251 -23.36 2.97 5.17
N ALA A 252 -22.08 3.29 5.01
CA ALA A 252 -21.05 2.26 4.80
C ALA A 252 -20.88 1.32 6.02
N ILE A 253 -20.92 1.88 7.22
CA ILE A 253 -20.88 1.07 8.46
C ILE A 253 -22.08 0.12 8.48
N ASP A 254 -23.27 0.66 8.21
CA ASP A 254 -24.48 -0.16 8.18
C ASP A 254 -24.34 -1.30 7.19
N CYS A 255 -23.87 -0.99 5.98
CA CYS A 255 -23.69 -1.99 4.94
C CYS A 255 -22.74 -3.09 5.31
N ILE A 256 -21.57 -2.71 5.80
CA ILE A 256 -20.56 -3.69 6.17
C ILE A 256 -21.03 -4.54 7.35
N THR A 257 -21.59 -3.90 8.36
CA THR A 257 -22.06 -4.64 9.55
C THR A 257 -23.23 -5.59 9.26
N GLN A 258 -24.05 -5.24 8.26
CA GLN A 258 -25.19 -6.09 7.86
C GLN A 258 -24.87 -7.15 6.81
N GLY A 259 -23.63 -7.19 6.32
CA GLY A 259 -23.20 -8.25 5.41
C GLY A 259 -23.25 -7.97 3.92
N ARG A 260 -23.45 -6.72 3.50
CA ARG A 260 -23.42 -6.37 2.07
C ARG A 260 -22.01 -6.58 1.55
N GLU A 261 -21.88 -7.04 0.32
CA GLU A 261 -20.57 -7.26 -0.27
C GLU A 261 -20.38 -6.41 -1.50
N LEU A 262 -19.15 -5.94 -1.70
CA LEU A 262 -18.85 -5.11 -2.87
C LEU A 262 -19.09 -5.92 -4.15
N GLU A 263 -19.67 -5.28 -5.16
CA GLU A 263 -19.96 -5.93 -6.44
C GLU A 263 -18.69 -6.29 -7.21
N ARG A 264 -18.79 -7.29 -8.08
CA ARG A 264 -17.69 -7.65 -8.96
C ARG A 264 -17.39 -6.48 -9.89
N PRO A 265 -16.12 -5.97 -9.89
CA PRO A 265 -15.78 -4.92 -10.86
C PRO A 265 -15.90 -5.43 -12.29
N ARG A 266 -16.20 -4.52 -13.22
CA ARG A 266 -16.28 -4.85 -14.65
C ARG A 266 -15.03 -5.62 -15.15
N ALA A 267 -13.86 -5.06 -14.86
CA ALA A 267 -12.57 -5.64 -15.26
C ALA A 267 -12.15 -6.93 -14.55
N CYS A 268 -12.84 -7.30 -13.48
CA CYS A 268 -12.48 -8.44 -12.66
C CYS A 268 -13.12 -9.71 -13.25
N PRO A 269 -12.29 -10.74 -13.58
CA PRO A 269 -12.92 -12.01 -13.98
C PRO A 269 -13.53 -12.72 -12.77
N PRO A 270 -14.50 -13.64 -13.01
CA PRO A 270 -15.10 -14.34 -11.86
C PRO A 270 -14.12 -15.09 -10.97
N GLU A 271 -13.05 -15.64 -11.54
CA GLU A 271 -12.02 -16.33 -10.78
C GLU A 271 -11.38 -15.44 -9.70
N VAL A 272 -11.18 -14.17 -10.03
CA VAL A 272 -10.57 -13.21 -9.10
C VAL A 272 -11.60 -12.71 -8.08
N TYR A 273 -12.84 -12.49 -8.53
CA TYR A 273 -13.92 -12.15 -7.61
C TYR A 273 -14.14 -13.23 -6.55
N ALA A 274 -13.87 -14.48 -6.92
CA ALA A 274 -13.90 -15.59 -5.97
C ALA A 274 -12.82 -15.44 -4.88
N ILE A 275 -11.64 -14.95 -5.28
CA ILE A 275 -10.57 -14.70 -4.31
C ILE A 275 -10.97 -13.54 -3.37
N MET A 276 -11.61 -12.50 -3.90
CA MET A 276 -12.14 -11.42 -3.06
C MET A 276 -13.16 -11.94 -2.04
N ARG A 277 -14.10 -12.77 -2.50
CA ARG A 277 -15.12 -13.35 -1.60
C ARG A 277 -14.53 -14.25 -0.53
N GLY A 278 -13.47 -14.97 -0.86
CA GLY A 278 -12.72 -15.76 0.12
C GLY A 278 -12.12 -14.94 1.26
N CYS A 279 -11.76 -13.69 0.96
CA CYS A 279 -11.32 -12.71 1.97
C CYS A 279 -12.46 -12.13 2.80
N TRP A 280 -13.66 -12.08 2.25
CA TRP A 280 -14.80 -11.45 2.91
C TRP A 280 -15.79 -12.41 3.64
N GLN A 281 -15.34 -13.62 3.98
CA GLN A 281 -16.14 -14.52 4.83
C GLN A 281 -16.37 -13.84 6.17
N ARG A 282 -17.61 -13.85 6.64
CA ARG A 282 -17.97 -13.00 7.78
C ARG A 282 -17.27 -13.44 9.05
N GLU A 283 -17.08 -14.75 9.20
CA GLU A 283 -16.39 -15.32 10.35
C GLU A 283 -14.89 -15.25 10.03
N PRO A 284 -14.10 -14.56 10.88
CA PRO A 284 -12.65 -14.41 10.64
C PRO A 284 -11.93 -15.72 10.32
N GLN A 285 -12.17 -16.75 11.15
CA GLN A 285 -11.53 -18.06 11.00
C GLN A 285 -11.87 -18.82 9.70
N GLN A 286 -12.99 -18.44 9.05
CA GLN A 286 -13.38 -18.99 7.74
C GLN A 286 -12.72 -18.32 6.53
N ARG A 287 -12.04 -17.19 6.72
CA ARG A 287 -11.37 -16.50 5.61
C ARG A 287 -10.16 -17.30 5.16
N HIS A 288 -9.88 -17.29 3.87
CA HIS A 288 -8.68 -17.95 3.35
C HIS A 288 -7.42 -17.25 3.86
N SER A 289 -6.34 -18.00 3.98
CA SER A 289 -5.07 -17.45 4.47
C SER A 289 -4.45 -16.61 3.36
N ILE A 290 -3.73 -15.56 3.76
CA ILE A 290 -3.06 -14.69 2.79
C ILE A 290 -2.06 -15.46 1.91
N LYS A 291 -1.47 -16.52 2.48
CA LYS A 291 -0.60 -17.42 1.73
C LYS A 291 -1.36 -18.08 0.57
N ASP A 292 -2.56 -18.57 0.84
CA ASP A 292 -3.40 -19.17 -0.21
C ASP A 292 -3.82 -18.13 -1.23
N VAL A 293 -4.19 -16.95 -0.75
CA VAL A 293 -4.56 -15.84 -1.62
C VAL A 293 -3.40 -15.47 -2.55
N HIS A 294 -2.18 -15.35 -1.98
CA HIS A 294 -0.98 -15.04 -2.76
C HIS A 294 -0.70 -16.11 -3.82
N ALA A 295 -0.75 -17.38 -3.38
CA ALA A 295 -0.52 -18.55 -4.24
C ALA A 295 -1.41 -18.54 -5.48
N ARG A 296 -2.69 -18.25 -5.29
CA ARG A 296 -3.63 -18.17 -6.40
C ARG A 296 -3.40 -16.98 -7.33
N LEU A 297 -3.11 -15.82 -6.75
CA LEU A 297 -2.92 -14.61 -7.56
C LEU A 297 -1.62 -14.65 -8.35
N GLN A 298 -0.56 -15.19 -7.75
CA GLN A 298 0.75 -15.32 -8.43
C GLN A 298 0.66 -16.25 -9.63
N ALA A 299 0.03 -17.41 -9.40
CA ALA A 299 -0.23 -18.38 -10.47
C ALA A 299 -0.93 -17.71 -11.64
N LEU A 300 -1.96 -16.93 -11.33
CA LEU A 300 -2.68 -16.14 -12.33
C LEU A 300 -1.83 -15.04 -12.99
N ALA A 301 -1.09 -14.27 -12.19
CA ALA A 301 -0.14 -13.28 -12.74
C ALA A 301 0.90 -13.90 -13.68
N GLN A 302 1.41 -15.08 -13.30
CA GLN A 302 2.42 -15.81 -14.08
C GLN A 302 1.84 -16.74 -15.17
N ALA A 303 0.52 -16.84 -15.26
CA ALA A 303 -0.15 -17.73 -16.23
C ALA A 303 0.05 -17.22 -17.65
N PRO A 304 0.15 -18.14 -18.64
CA PRO A 304 0.36 -17.70 -20.02
C PRO A 304 -0.85 -16.98 -20.60
N PRO A 305 -0.62 -16.08 -21.60
CA PRO A 305 -1.70 -15.30 -22.23
C PRO A 305 -2.85 -16.13 -22.79
N VAL A 306 -2.56 -17.33 -23.28
CA VAL A 306 -3.60 -18.26 -23.75
C VAL A 306 -4.57 -18.55 -22.59
N TYR A 307 -4.05 -18.84 -21.41
CA TYR A 307 -4.89 -19.07 -20.23
C TYR A 307 -5.62 -17.80 -19.78
N LEU A 308 -4.89 -16.68 -19.67
CA LEU A 308 -5.49 -15.42 -19.23
C LEU A 308 -6.55 -14.86 -20.16
N ASP A 309 -6.37 -15.05 -21.47
CA ASP A 309 -7.36 -14.58 -22.45
C ASP A 309 -8.73 -15.23 -22.34
N VAL A 310 -8.80 -16.41 -21.69
CA VAL A 310 -10.04 -17.18 -21.54
C VAL A 310 -10.86 -16.85 -20.28
N LEU A 311 -10.20 -16.38 -19.22
CA LEU A 311 -10.89 -16.04 -17.95
C LEU A 311 -12.09 -15.10 -18.12
#